data_3A7U
#
_entry.id   3A7U
#
_cell.length_a   91.175
_cell.length_b   91.175
_cell.length_c   232.204
_cell.angle_alpha   90.00
_cell.angle_beta   90.00
_cell.angle_gamma   120.00
#
_symmetry.space_group_name_H-M   'P 61 2 2'
#
_entity_poly.entity_id   1
_entity_poly.type   'polypeptide(L)'
_entity_poly.pdbx_seq_one_letter_code
;TVKSGLILQSISNDVYHNLAVEDWIHDHMNLEGKPVLFLWRNSPTVVIGRHQNPWQECNLNLMREEGVKLARRRSGGGTV
YHDMGNINLTFFTTKKKYDRMENLKLVVRALKAVHPHLDVQATKRFDLLLDGQFKISGTASKIGRNAAYHHCTLLCGTDG
TFLSSLLKSPYQGIRSNATASTPALVKNLMEKDPTLTCEVVINAVATEYATSHQIDNHIHLINPTDETVFPGINSKAIEL
QTWEWIYGKTPKFSVDTSFTVLHEQSHVEIKVFIDVKNGRIEVCNIEAPDHWLPLEICDQLNSSLIGSKFSPIETTVLTS
ILHRTYPGDDELHSKWNILCEKIKGIM
;
_entity_poly.pdbx_strand_id   A
#
# COMPACT_ATOMS: atom_id res chain seq x y z
N GLY A 5 14.38 -23.13 15.52
CA GLY A 5 13.41 -21.98 15.51
C GLY A 5 14.07 -20.63 15.68
N LEU A 6 13.36 -19.57 15.30
CA LEU A 6 13.90 -18.22 15.40
C LEU A 6 12.82 -17.14 15.30
N ILE A 7 12.85 -16.17 16.21
CA ILE A 7 11.80 -15.16 16.26
C ILE A 7 12.38 -13.75 16.34
N LEU A 8 12.05 -12.90 15.38
CA LEU A 8 12.65 -11.57 15.32
C LEU A 8 11.61 -10.46 15.31
N GLN A 9 11.92 -9.36 15.98
CA GLN A 9 11.05 -8.21 16.02
C GLN A 9 11.80 -6.98 15.54
N SER A 10 11.07 -5.92 15.22
CA SER A 10 11.69 -4.69 14.73
C SER A 10 11.24 -3.51 15.55
N ILE A 11 12.20 -2.73 16.02
CA ILE A 11 11.94 -1.52 16.79
C ILE A 11 11.44 -0.41 15.87
N SER A 12 11.86 -0.50 14.61
CA SER A 12 11.48 0.48 13.59
C SER A 12 10.03 0.40 13.18
N ASN A 13 9.53 1.51 12.65
CA ASN A 13 8.20 1.55 12.10
C ASN A 13 8.23 2.23 10.74
N ASP A 14 9.36 2.06 10.06
CA ASP A 14 9.52 2.56 8.71
C ASP A 14 9.28 1.44 7.71
N VAL A 15 8.05 1.35 7.21
CA VAL A 15 7.64 0.25 6.34
C VAL A 15 8.73 -0.21 5.41
N TYR A 16 9.29 0.72 4.65
CA TYR A 16 10.31 0.39 3.65
C TYR A 16 11.45 -0.43 4.25
N HIS A 17 11.89 -0.08 5.44
CA HIS A 17 12.93 -0.87 6.11
C HIS A 17 12.38 -2.22 6.51
N ASN A 18 11.30 -2.20 7.27
CA ASN A 18 10.64 -3.43 7.69
C ASN A 18 10.37 -4.36 6.51
N LEU A 19 10.21 -3.77 5.33
CA LEU A 19 10.05 -4.56 4.12
C LEU A 19 11.35 -5.16 3.67
N ALA A 20 12.37 -4.32 3.55
CA ALA A 20 13.68 -4.77 3.10
C ALA A 20 14.14 -5.99 3.88
N VAL A 21 13.96 -5.95 5.19
CA VAL A 21 14.25 -7.09 6.04
C VAL A 21 13.61 -8.35 5.47
N GLU A 22 12.31 -8.26 5.19
CA GLU A 22 11.56 -9.35 4.59
C GLU A 22 12.32 -10.07 3.50
N ASP A 23 12.75 -9.34 2.48
CA ASP A 23 13.48 -9.96 1.38
C ASP A 23 14.78 -10.53 1.91
N TRP A 24 15.62 -9.64 2.42
CA TRP A 24 16.88 -10.05 3.02
C TRP A 24 16.75 -11.51 3.45
N ILE A 25 15.95 -11.71 4.49
CA ILE A 25 15.73 -13.04 5.05
C ILE A 25 15.42 -14.07 3.97
N HIS A 26 14.56 -13.69 3.04
CA HIS A 26 14.11 -14.60 1.99
C HIS A 26 15.21 -14.86 0.98
N ASP A 27 16.05 -13.86 0.76
CA ASP A 27 17.16 -13.99 -0.15
C ASP A 27 18.37 -14.56 0.58
N HIS A 28 18.26 -14.66 1.90
CA HIS A 28 19.38 -15.13 2.72
C HIS A 28 19.03 -16.31 3.62
N MET A 29 19.07 -16.08 4.93
CA MET A 29 19.08 -17.17 5.92
C MET A 29 18.32 -18.44 5.54
N ASN A 30 18.99 -19.57 5.69
CA ASN A 30 18.45 -20.87 5.29
C ASN A 30 17.36 -21.37 6.25
N LEU A 31 16.14 -21.36 5.75
CA LEU A 31 14.98 -21.73 6.53
C LEU A 31 14.82 -23.25 6.58
N GLU A 32 15.76 -23.93 5.95
CA GLU A 32 15.80 -25.39 5.96
C GLU A 32 15.89 -25.92 7.39
N GLY A 33 14.83 -26.59 7.84
CA GLY A 33 14.74 -27.03 9.24
C GLY A 33 15.16 -25.89 10.15
N LYS A 34 14.89 -24.66 9.70
CA LYS A 34 15.26 -23.44 10.41
C LYS A 34 14.27 -22.32 10.11
N PRO A 35 12.99 -22.54 10.43
CA PRO A 35 11.92 -21.57 10.16
C PRO A 35 12.18 -20.25 10.86
N VAL A 36 11.47 -19.20 10.46
CA VAL A 36 11.69 -17.88 11.03
C VAL A 36 10.41 -17.05 11.06
N LEU A 37 10.05 -16.58 12.25
CA LEU A 37 8.94 -15.67 12.38
C LEU A 37 9.45 -14.24 12.58
N PHE A 38 8.89 -13.30 11.83
CA PHE A 38 9.29 -11.90 11.91
C PHE A 38 8.09 -11.00 12.14
N LEU A 39 8.08 -10.29 13.26
CA LEU A 39 6.96 -9.43 13.61
C LEU A 39 7.40 -7.99 13.53
N TRP A 40 6.49 -7.10 13.16
CA TRP A 40 6.88 -5.71 12.89
C TRP A 40 5.71 -4.76 12.66
N ARG A 41 5.67 -3.70 13.45
CA ARG A 41 4.64 -2.67 13.28
C ARG A 41 5.18 -1.43 12.56
N ASN A 42 4.34 -0.86 11.69
CA ASN A 42 4.72 0.30 10.89
C ASN A 42 3.89 1.56 11.16
N SER A 43 4.53 2.72 10.98
CA SER A 43 3.82 3.98 10.99
C SER A 43 2.64 3.89 10.00
N PRO A 44 1.76 4.91 9.99
CA PRO A 44 0.62 4.90 9.09
C PRO A 44 1.11 4.84 7.65
N THR A 45 0.70 3.82 6.92
CA THR A 45 1.27 3.53 5.61
C THR A 45 0.33 2.63 4.83
N VAL A 46 0.00 3.00 3.59
CA VAL A 46 -0.83 2.14 2.77
C VAL A 46 0.04 1.26 1.88
N VAL A 47 -0.25 -0.05 1.90
CA VAL A 47 0.57 -1.03 1.17
C VAL A 47 -0.20 -1.81 0.15
N ILE A 48 0.30 -1.81 -1.09
CA ILE A 48 -0.38 -2.46 -2.20
C ILE A 48 0.38 -3.69 -2.67
N GLY A 49 -0.36 -4.69 -3.14
CA GLY A 49 0.24 -5.90 -3.66
C GLY A 49 1.23 -5.63 -4.78
N ARG A 50 1.97 -6.66 -5.16
CA ARG A 50 2.99 -6.52 -6.19
C ARG A 50 2.45 -5.87 -7.48
N HIS A 51 1.34 -6.38 -8.00
CA HIS A 51 0.83 -5.91 -9.28
C HIS A 51 -0.44 -5.09 -9.14
N GLN A 52 -0.47 -4.17 -8.18
CA GLN A 52 -1.66 -3.38 -7.97
C GLN A 52 -1.50 -1.93 -8.44
N ASN A 53 -2.61 -1.21 -8.46
CA ASN A 53 -2.67 0.15 -9.00
C ASN A 53 -2.92 1.19 -7.92
N PRO A 54 -1.86 1.89 -7.51
CA PRO A 54 -1.90 2.90 -6.46
C PRO A 54 -3.04 3.90 -6.61
N TRP A 55 -3.21 4.46 -7.81
CA TRP A 55 -4.22 5.48 -8.05
C TRP A 55 -5.61 4.90 -7.87
N GLN A 56 -5.71 3.59 -8.01
CA GLN A 56 -7.00 2.92 -7.84
C GLN A 56 -7.40 2.74 -6.38
N GLU A 57 -6.42 2.45 -5.52
CA GLU A 57 -6.72 1.98 -4.16
C GLU A 57 -6.93 3.09 -3.15
N CYS A 58 -6.10 4.12 -3.22
CA CYS A 58 -6.12 5.16 -2.19
C CYS A 58 -6.35 6.58 -2.71
N ASN A 59 -6.80 7.45 -1.81
CA ASN A 59 -7.01 8.85 -2.12
C ASN A 59 -5.71 9.64 -1.96
N LEU A 60 -4.70 9.20 -2.71
CA LEU A 60 -3.35 9.73 -2.58
C LEU A 60 -3.31 11.22 -2.18
N ASN A 61 -4.14 12.03 -2.83
CA ASN A 61 -4.28 13.43 -2.43
C ASN A 61 -4.61 13.55 -0.94
N LEU A 62 -5.64 12.83 -0.51
CA LEU A 62 -6.00 12.76 0.90
C LEU A 62 -4.85 12.22 1.74
N MET A 63 -4.30 11.09 1.31
CA MET A 63 -3.14 10.49 1.97
C MET A 63 -2.04 11.53 2.11
N ARG A 64 -1.88 12.32 1.05
CA ARG A 64 -0.82 13.30 0.98
C ARG A 64 -0.91 14.30 2.13
N GLU A 65 -2.07 14.93 2.28
CA GLU A 65 -2.26 15.90 3.34
C GLU A 65 -2.09 15.25 4.70
N GLU A 66 -1.79 13.96 4.71
CA GLU A 66 -2.00 13.14 5.90
C GLU A 66 -0.75 12.45 6.44
N GLY A 67 0.42 12.88 5.97
CA GLY A 67 1.66 12.23 6.40
C GLY A 67 1.65 10.72 6.15
N VAL A 68 0.58 10.24 5.53
CA VAL A 68 0.42 8.82 5.24
C VAL A 68 1.22 8.36 4.00
N LYS A 69 2.12 7.41 4.22
CA LYS A 69 2.97 6.89 3.17
C LYS A 69 2.29 5.81 2.34
N LEU A 70 2.76 5.64 1.10
CA LEU A 70 2.33 4.54 0.26
C LEU A 70 3.52 3.62 0.00
N ALA A 71 3.25 2.34 -0.19
CA ALA A 71 4.33 1.41 -0.48
C ALA A 71 3.86 0.18 -1.22
N ARG A 72 4.76 -0.45 -1.97
CA ARG A 72 4.43 -1.62 -2.76
C ARG A 72 5.38 -2.74 -2.37
N ARG A 73 4.81 -3.90 -2.07
CA ARG A 73 5.59 -5.00 -1.53
C ARG A 73 5.83 -6.10 -2.54
N ARG A 74 6.93 -6.81 -2.39
CA ARG A 74 7.33 -7.82 -3.37
C ARG A 74 6.41 -9.03 -3.38
N SER A 75 5.60 -9.16 -2.34
CA SER A 75 4.64 -10.24 -2.29
C SER A 75 3.38 -9.84 -3.03
N GLY A 76 2.65 -10.83 -3.55
CA GLY A 76 1.36 -10.58 -4.17
C GLY A 76 0.35 -10.15 -3.12
N GLY A 77 -0.93 -10.22 -3.46
CA GLY A 77 -1.99 -9.86 -2.51
C GLY A 77 -2.67 -8.53 -2.80
N GLY A 78 -3.56 -8.13 -1.90
CA GLY A 78 -4.32 -6.89 -2.06
C GLY A 78 -3.84 -5.76 -1.17
N THR A 79 -4.66 -4.73 -1.03
CA THR A 79 -4.23 -3.55 -0.28
C THR A 79 -4.78 -3.49 1.13
N VAL A 80 -3.90 -3.34 2.11
CA VAL A 80 -4.33 -3.08 3.49
C VAL A 80 -3.67 -1.83 4.04
N TYR A 81 -4.33 -1.21 5.02
CA TYR A 81 -3.79 -0.02 5.64
C TYR A 81 -3.09 -0.34 6.94
N HIS A 82 -1.84 0.08 7.06
CA HIS A 82 -1.06 -0.19 8.25
C HIS A 82 -1.03 1.00 9.19
N ASP A 83 -0.81 0.72 10.47
CA ASP A 83 -0.48 1.76 11.45
C ASP A 83 0.09 1.11 12.71
N MET A 84 0.28 1.91 13.75
CA MET A 84 0.86 1.42 14.99
C MET A 84 0.01 0.37 15.69
N GLY A 85 -1.25 0.27 15.30
CA GLY A 85 -2.16 -0.70 15.88
C GLY A 85 -2.26 -1.94 15.01
N ASN A 86 -1.41 -2.03 14.00
CA ASN A 86 -1.45 -3.16 13.08
C ASN A 86 -0.24 -4.09 13.21
N ILE A 87 -0.49 -5.37 13.50
CA ILE A 87 0.59 -6.31 13.73
C ILE A 87 0.93 -7.16 12.51
N ASN A 88 2.13 -6.98 11.97
CA ASN A 88 2.56 -7.78 10.84
C ASN A 88 3.37 -8.99 11.27
N LEU A 89 3.02 -10.15 10.72
CA LEU A 89 3.74 -11.38 11.03
C LEU A 89 4.11 -12.07 9.73
N THR A 90 5.39 -12.35 9.52
CA THR A 90 5.77 -13.08 8.32
C THR A 90 6.37 -14.41 8.68
N PHE A 91 5.77 -15.48 8.15
CA PHE A 91 6.27 -16.81 8.41
C PHE A 91 7.21 -17.25 7.30
N PHE A 92 8.50 -17.10 7.54
CA PHE A 92 9.52 -17.54 6.58
C PHE A 92 9.81 -19.00 6.78
N THR A 93 9.85 -19.76 5.69
CA THR A 93 10.12 -21.18 5.74
C THR A 93 10.62 -21.67 4.40
N THR A 94 10.96 -22.95 4.34
CA THR A 94 11.30 -23.60 3.08
C THR A 94 10.04 -23.71 2.24
N LYS A 95 10.20 -23.66 0.92
CA LYS A 95 9.06 -23.85 0.03
C LYS A 95 8.46 -25.20 0.34
N LYS A 96 9.31 -26.17 0.63
CA LYS A 96 8.85 -27.51 0.95
C LYS A 96 7.82 -27.47 2.08
N LYS A 97 8.12 -26.70 3.13
CA LYS A 97 7.20 -26.61 4.27
C LYS A 97 6.57 -25.21 4.37
N TYR A 98 5.57 -24.98 3.54
CA TYR A 98 4.83 -23.73 3.50
C TYR A 98 3.38 -24.06 3.81
N ASP A 99 2.80 -23.44 4.83
CA ASP A 99 1.45 -23.83 5.23
C ASP A 99 0.63 -22.68 5.80
N ARG A 100 0.16 -21.81 4.91
CA ARG A 100 -0.63 -20.65 5.31
C ARG A 100 -1.56 -20.98 6.46
N MET A 101 -2.28 -22.08 6.34
CA MET A 101 -3.24 -22.46 7.36
C MET A 101 -2.56 -22.65 8.70
N GLU A 102 -1.58 -23.56 8.75
CA GLU A 102 -0.84 -23.82 9.97
C GLU A 102 -0.60 -22.51 10.69
N ASN A 103 -0.27 -21.49 9.91
CA ASN A 103 0.03 -20.18 10.46
C ASN A 103 -1.18 -19.51 11.05
N LEU A 104 -2.28 -19.49 10.30
CA LEU A 104 -3.51 -18.86 10.77
C LEU A 104 -4.00 -19.52 12.04
N LYS A 105 -3.98 -20.86 12.06
CA LYS A 105 -4.38 -21.61 13.24
C LYS A 105 -3.51 -21.18 14.41
N LEU A 106 -2.20 -21.18 14.15
CA LEU A 106 -1.23 -20.77 15.15
C LEU A 106 -1.67 -19.46 15.80
N VAL A 107 -2.12 -18.53 14.99
CA VAL A 107 -2.50 -17.22 15.48
C VAL A 107 -3.76 -17.28 16.33
N VAL A 108 -4.66 -18.19 15.99
CA VAL A 108 -5.90 -18.28 16.73
C VAL A 108 -5.60 -18.75 18.12
N ARG A 109 -4.70 -19.71 18.24
CA ARG A 109 -4.25 -20.16 19.54
C ARG A 109 -3.70 -18.98 20.27
N ALA A 110 -2.65 -18.40 19.71
CA ALA A 110 -2.08 -17.19 20.27
C ALA A 110 -3.20 -16.30 20.79
N LEU A 111 -4.19 -16.05 19.95
CA LEU A 111 -5.27 -15.13 20.31
C LEU A 111 -6.05 -15.60 21.52
N LYS A 112 -6.51 -16.84 21.49
CA LYS A 112 -7.36 -17.38 22.54
C LYS A 112 -6.61 -17.53 23.87
N ALA A 113 -5.30 -17.75 23.77
CA ALA A 113 -4.43 -17.79 24.94
C ALA A 113 -4.44 -16.44 25.68
N VAL A 114 -5.24 -15.50 25.19
CA VAL A 114 -5.26 -14.15 25.75
C VAL A 114 -6.69 -13.66 25.93
N HIS A 115 -7.60 -14.24 25.18
CA HIS A 115 -9.02 -14.03 25.42
C HIS A 115 -9.70 -15.37 25.34
N PRO A 116 -9.72 -16.10 26.46
CA PRO A 116 -10.30 -17.42 26.49
C PRO A 116 -11.61 -17.43 25.73
N HIS A 117 -11.79 -18.46 24.91
CA HIS A 117 -13.00 -18.58 24.08
C HIS A 117 -13.42 -17.24 23.49
N LEU A 118 -12.65 -16.80 22.50
CA LEU A 118 -12.97 -15.60 21.75
C LEU A 118 -13.48 -16.03 20.38
N ASP A 119 -14.51 -15.37 19.87
CA ASP A 119 -15.11 -15.82 18.62
C ASP A 119 -14.32 -15.43 17.37
N VAL A 120 -13.20 -16.10 17.16
CA VAL A 120 -12.33 -15.86 16.01
C VAL A 120 -12.00 -17.17 15.31
N GLN A 121 -11.96 -17.17 13.98
CA GLN A 121 -11.47 -18.35 13.30
C GLN A 121 -11.08 -18.12 11.84
N ALA A 122 -10.34 -19.09 11.31
CA ALA A 122 -9.89 -19.07 9.93
C ALA A 122 -11.11 -19.09 9.02
N THR A 123 -10.90 -18.79 7.74
CA THR A 123 -11.97 -18.78 6.76
C THR A 123 -11.53 -19.52 5.51
N LYS A 124 -12.32 -19.39 4.44
CA LYS A 124 -11.91 -19.88 3.13
C LYS A 124 -10.79 -19.02 2.59
N ARG A 125 -11.05 -17.70 2.56
CA ARG A 125 -10.11 -16.75 1.97
C ARG A 125 -9.00 -16.34 2.94
N PHE A 126 -8.62 -17.27 3.81
CA PHE A 126 -7.47 -17.09 4.69
C PHE A 126 -7.38 -15.73 5.40
N ASP A 127 -8.52 -15.15 5.74
CA ASP A 127 -8.52 -14.08 6.73
C ASP A 127 -9.27 -14.54 7.98
N LEU A 128 -9.43 -13.65 8.95
CA LEU A 128 -9.98 -14.06 10.24
C LEU A 128 -11.21 -13.26 10.66
N LEU A 129 -12.37 -13.93 10.64
CA LEU A 129 -13.63 -13.32 11.04
C LEU A 129 -13.77 -13.26 12.56
N LEU A 130 -13.91 -12.05 13.08
CA LEU A 130 -14.26 -11.87 14.49
C LEU A 130 -15.77 -11.76 14.62
N ASP A 131 -16.37 -12.71 15.31
CA ASP A 131 -17.80 -12.71 15.54
C ASP A 131 -18.56 -12.85 14.23
N GLY A 132 -17.98 -13.55 13.28
CA GLY A 132 -18.62 -13.78 11.98
C GLY A 132 -18.83 -12.51 11.17
N GLN A 133 -18.66 -11.35 11.80
CA GLN A 133 -18.81 -10.05 11.14
C GLN A 133 -17.46 -9.43 10.78
N PHE A 134 -16.94 -8.60 11.67
CA PHE A 134 -15.73 -7.83 11.43
C PHE A 134 -14.58 -8.73 11.00
N LYS A 135 -13.90 -8.33 9.93
CA LYS A 135 -12.66 -8.98 9.52
C LYS A 135 -11.51 -8.31 10.26
N ILE A 136 -10.45 -9.05 10.59
CA ILE A 136 -9.33 -8.44 11.31
C ILE A 136 -7.92 -8.85 10.86
N SER A 137 -7.81 -9.51 9.71
CA SER A 137 -6.52 -10.05 9.29
C SER A 137 -6.44 -10.27 7.79
N GLY A 138 -5.31 -9.87 7.20
CA GLY A 138 -5.08 -10.03 5.76
C GLY A 138 -3.95 -10.98 5.43
N THR A 139 -3.97 -11.55 4.23
CA THR A 139 -2.94 -12.51 3.79
C THR A 139 -2.07 -11.99 2.64
N ALA A 140 -0.93 -12.66 2.43
CA ALA A 140 -0.01 -12.37 1.35
C ALA A 140 1.08 -13.44 1.33
N SER A 141 1.66 -13.70 0.16
CA SER A 141 2.69 -14.72 0.07
C SER A 141 3.69 -14.36 -1.01
N LYS A 142 4.79 -15.10 -1.04
CA LYS A 142 5.82 -14.92 -2.05
C LYS A 142 6.63 -16.18 -2.09
N ILE A 143 6.74 -16.79 -3.26
CA ILE A 143 7.33 -18.11 -3.34
C ILE A 143 8.56 -18.18 -4.25
N GLY A 144 9.70 -18.54 -3.65
CA GLY A 144 10.96 -18.69 -4.39
C GLY A 144 11.11 -20.12 -4.89
N ARG A 145 12.34 -20.52 -5.22
CA ARG A 145 12.55 -21.87 -5.72
C ARG A 145 12.77 -22.89 -4.60
N ASN A 146 13.20 -22.41 -3.43
CA ASN A 146 13.51 -23.31 -2.32
C ASN A 146 12.81 -22.91 -1.03
N ALA A 147 12.49 -21.62 -0.92
CA ALA A 147 11.87 -21.07 0.27
C ALA A 147 10.67 -20.20 -0.09
N ALA A 148 9.76 -20.04 0.86
CA ALA A 148 8.56 -19.24 0.64
C ALA A 148 8.18 -18.55 1.93
N TYR A 149 7.64 -17.33 1.83
CA TYR A 149 7.25 -16.60 3.03
C TYR A 149 5.83 -16.10 3.01
N HIS A 150 5.06 -16.50 4.02
CA HIS A 150 3.65 -16.15 4.11
C HIS A 150 3.45 -14.95 5.02
N HIS A 151 3.29 -13.78 4.43
CA HIS A 151 3.08 -12.56 5.19
C HIS A 151 1.64 -12.45 5.67
N CYS A 152 1.38 -11.57 6.62
CA CYS A 152 0.05 -11.47 7.20
C CYS A 152 -0.10 -10.37 8.24
N THR A 153 -1.28 -9.76 8.29
CA THR A 153 -1.49 -8.62 9.18
C THR A 153 -2.61 -8.82 10.17
N LEU A 154 -2.45 -8.20 11.33
CA LEU A 154 -3.42 -8.35 12.40
C LEU A 154 -3.85 -6.97 12.91
N LEU A 155 -5.16 -6.82 13.11
CA LEU A 155 -5.73 -5.53 13.48
C LEU A 155 -6.05 -5.41 14.98
N CYS A 156 -5.08 -4.93 15.74
CA CYS A 156 -5.23 -4.76 17.18
C CYS A 156 -5.80 -3.40 17.57
N GLY A 157 -5.28 -2.35 16.95
CA GLY A 157 -5.65 -0.98 17.31
C GLY A 157 -5.72 -0.01 16.15
N THR A 158 -5.64 -0.52 14.93
CA THR A 158 -5.72 0.34 13.75
C THR A 158 -7.13 0.92 13.65
N ASP A 159 -7.25 2.13 13.11
CA ASP A 159 -8.53 2.80 13.01
C ASP A 159 -9.26 2.52 11.70
N GLY A 160 -10.30 1.71 11.77
CA GLY A 160 -11.09 1.33 10.61
C GLY A 160 -11.77 2.50 9.90
N THR A 161 -12.17 3.50 10.69
CA THR A 161 -12.83 4.68 10.12
C THR A 161 -11.84 5.54 9.34
N PHE A 162 -10.69 5.83 9.94
CA PHE A 162 -9.66 6.61 9.27
C PHE A 162 -9.09 5.79 8.11
N LEU A 163 -9.23 4.47 8.22
CA LEU A 163 -8.90 3.56 7.13
C LEU A 163 -10.00 3.65 6.08
N SER A 164 -11.21 3.34 6.49
CA SER A 164 -12.38 3.39 5.62
C SER A 164 -12.19 4.41 4.50
N SER A 165 -11.65 5.57 4.86
CA SER A 165 -11.48 6.68 3.93
C SER A 165 -10.66 6.36 2.67
N LEU A 166 -9.80 5.34 2.74
CA LEU A 166 -8.88 5.04 1.65
C LEU A 166 -9.23 3.71 0.97
N LEU A 167 -10.38 3.68 0.31
CA LEU A 167 -10.90 2.43 -0.25
C LEU A 167 -11.03 2.43 -1.76
N LYS A 168 -11.23 3.60 -2.35
CA LYS A 168 -11.41 3.71 -3.79
C LYS A 168 -11.24 5.14 -4.27
N LYS A 187 -13.74 -3.09 11.85
CA LYS A 187 -13.73 -2.92 13.30
C LYS A 187 -12.53 -3.65 13.96
N ASN A 188 -12.09 -3.10 15.10
CA ASN A 188 -10.79 -3.40 15.70
C ASN A 188 -10.79 -4.56 16.69
N LEU A 189 -9.64 -4.79 17.33
CA LEU A 189 -9.51 -5.82 18.39
C LEU A 189 -9.70 -5.24 19.78
N MET A 190 -8.85 -4.28 20.13
CA MET A 190 -8.94 -3.63 21.43
C MET A 190 -10.34 -3.07 21.62
N GLU A 191 -10.94 -2.62 20.52
CA GLU A 191 -12.32 -2.13 20.53
C GLU A 191 -13.26 -3.26 20.96
N LYS A 192 -12.68 -4.30 21.54
CA LYS A 192 -13.41 -5.49 21.95
C LYS A 192 -12.87 -5.91 23.30
N ASP A 193 -11.60 -5.61 23.54
CA ASP A 193 -10.93 -6.01 24.77
C ASP A 193 -9.65 -5.20 24.98
N PRO A 194 -9.76 -4.05 25.69
CA PRO A 194 -8.70 -3.07 25.86
C PRO A 194 -7.30 -3.66 26.02
N THR A 195 -7.16 -4.67 26.89
CA THR A 195 -5.84 -5.25 27.14
C THR A 195 -5.38 -6.16 26.01
N LEU A 196 -5.95 -5.99 24.82
CA LEU A 196 -5.46 -6.68 23.62
C LEU A 196 -4.37 -5.86 22.93
N THR A 197 -3.70 -5.03 23.72
CA THR A 197 -2.57 -4.24 23.26
C THR A 197 -1.66 -5.09 22.39
N CYS A 198 -1.26 -4.55 21.25
CA CYS A 198 -0.39 -5.28 20.35
C CYS A 198 0.70 -6.01 21.10
N GLU A 199 1.49 -5.26 21.88
CA GLU A 199 2.58 -5.85 22.66
C GLU A 199 2.14 -7.18 23.27
N VAL A 200 0.95 -7.17 23.86
CA VAL A 200 0.34 -8.38 24.40
C VAL A 200 0.20 -9.48 23.35
N VAL A 201 -0.46 -9.13 22.25
CA VAL A 201 -0.67 -10.05 21.14
C VAL A 201 0.64 -10.49 20.51
N ILE A 202 1.62 -9.58 20.50
CA ILE A 202 2.92 -9.89 19.94
C ILE A 202 3.55 -11.02 20.74
N ASN A 203 3.48 -10.91 22.06
CA ASN A 203 3.98 -11.97 22.93
C ASN A 203 3.20 -13.25 22.73
N ALA A 204 1.90 -13.19 23.00
CA ALA A 204 1.01 -14.31 22.82
C ALA A 204 1.39 -15.10 21.58
N VAL A 205 1.56 -14.41 20.47
CA VAL A 205 1.96 -15.05 19.22
C VAL A 205 3.33 -15.69 19.37
N ALA A 206 4.36 -14.87 19.61
CA ALA A 206 5.70 -15.37 19.80
C ALA A 206 5.72 -16.59 20.71
N THR A 207 5.01 -16.49 21.84
CA THR A 207 4.85 -17.61 22.75
C THR A 207 4.41 -18.84 21.99
N GLU A 208 3.29 -18.72 21.30
CA GLU A 208 2.73 -19.83 20.57
C GLU A 208 3.72 -20.39 19.54
N TYR A 209 4.45 -19.50 18.88
CA TYR A 209 5.42 -19.91 17.87
C TYR A 209 6.60 -20.59 18.54
N ALA A 210 6.96 -20.10 19.71
CA ALA A 210 8.03 -20.73 20.48
C ALA A 210 7.64 -22.19 20.64
N THR A 211 6.63 -22.42 21.45
CA THR A 211 6.12 -23.76 21.68
C THR A 211 6.12 -24.62 20.42
N SER A 212 5.45 -24.12 19.39
CA SER A 212 5.22 -24.87 18.15
C SER A 212 6.44 -25.48 17.51
N HIS A 213 7.62 -24.96 17.81
CA HIS A 213 8.88 -25.57 17.36
C HIS A 213 9.77 -25.86 18.57
N GLN A 214 9.34 -25.37 19.73
CA GLN A 214 10.09 -25.59 20.96
C GLN A 214 11.46 -24.94 20.88
N ILE A 215 11.53 -23.65 21.23
CA ILE A 215 12.78 -22.90 21.26
C ILE A 215 12.64 -21.64 22.11
N ASP A 216 13.65 -21.37 22.93
CA ASP A 216 13.67 -20.18 23.77
C ASP A 216 12.65 -19.13 23.36
N ASN A 217 11.51 -19.13 24.05
CA ASN A 217 10.50 -18.10 23.89
C ASN A 217 11.13 -16.71 23.84
N HIS A 218 12.30 -16.60 23.20
CA HIS A 218 12.98 -15.31 23.14
C HIS A 218 12.78 -14.61 21.81
N ILE A 219 12.30 -13.38 21.87
CA ILE A 219 12.18 -12.55 20.69
C ILE A 219 13.49 -11.80 20.48
N HIS A 220 14.14 -12.03 19.35
CA HIS A 220 15.37 -11.34 19.01
C HIS A 220 15.08 -9.99 18.38
N LEU A 221 15.07 -8.94 19.19
CA LEU A 221 14.84 -7.59 18.68
C LEU A 221 15.88 -7.20 17.62
N ILE A 222 15.48 -6.30 16.72
CA ILE A 222 16.37 -5.80 15.66
C ILE A 222 16.04 -4.37 15.25
N ASN A 223 17.06 -3.69 14.72
CA ASN A 223 16.84 -2.47 13.97
C ASN A 223 17.13 -2.76 12.50
N PRO A 224 16.19 -2.38 11.63
CA PRO A 224 16.22 -2.68 10.20
C PRO A 224 17.32 -1.96 9.44
N THR A 225 17.78 -0.84 9.96
CA THR A 225 18.80 -0.04 9.27
C THR A 225 20.19 -0.61 9.48
N ASP A 226 20.40 -1.21 10.65
CA ASP A 226 21.70 -1.74 11.06
C ASP A 226 22.24 -2.82 10.11
N GLU A 227 23.07 -2.43 9.16
CA GLU A 227 23.55 -3.41 8.18
C GLU A 227 24.88 -4.08 8.51
N THR A 228 25.34 -3.92 9.75
CA THR A 228 26.41 -4.77 10.25
C THR A 228 25.77 -6.14 10.43
N VAL A 229 24.52 -6.12 10.87
CA VAL A 229 23.73 -7.33 10.97
C VAL A 229 23.19 -7.71 9.60
N PHE A 230 22.86 -6.70 8.80
CA PHE A 230 22.19 -6.92 7.52
C PHE A 230 23.00 -6.41 6.33
N PRO A 231 23.97 -7.21 5.87
CA PRO A 231 24.81 -6.84 4.74
C PRO A 231 24.08 -5.98 3.70
N GLY A 232 24.45 -4.70 3.65
CA GLY A 232 23.95 -3.78 2.62
C GLY A 232 22.45 -3.80 2.39
N ILE A 233 21.70 -3.37 3.39
CA ILE A 233 20.25 -3.44 3.33
C ILE A 233 19.63 -2.15 2.80
N ASN A 234 20.08 -1.02 3.35
CA ASN A 234 19.49 0.27 3.01
C ASN A 234 19.45 0.57 1.52
N SER A 235 20.21 -0.19 0.74
CA SER A 235 20.13 -0.16 -0.71
C SER A 235 18.71 -0.52 -1.14
N LYS A 236 18.32 -1.75 -0.82
CA LYS A 236 16.98 -2.22 -1.07
C LYS A 236 15.96 -1.23 -0.52
N ALA A 237 16.16 -0.83 0.74
CA ALA A 237 15.23 0.08 1.39
C ALA A 237 15.01 1.37 0.59
N ILE A 238 16.07 1.87 -0.03
CA ILE A 238 15.96 3.06 -0.88
C ILE A 238 15.15 2.68 -2.10
N GLU A 239 15.52 1.55 -2.69
CA GLU A 239 14.86 1.04 -3.88
C GLU A 239 13.35 0.98 -3.72
N LEU A 240 12.88 0.14 -2.80
CA LEU A 240 11.44 -0.05 -2.58
C LEU A 240 10.76 1.29 -2.35
N GLN A 241 11.54 2.36 -2.43
CA GLN A 241 11.04 3.69 -2.12
C GLN A 241 11.02 4.54 -3.39
N THR A 242 11.78 4.12 -4.39
CA THR A 242 11.83 4.82 -5.66
C THR A 242 10.45 4.85 -6.29
N TRP A 243 10.03 6.03 -6.73
CA TRP A 243 8.79 6.18 -7.46
C TRP A 243 8.76 5.17 -8.59
N GLU A 244 9.91 5.01 -9.23
CA GLU A 244 10.04 4.02 -10.29
C GLU A 244 9.44 2.68 -9.86
N TRP A 245 9.63 2.31 -8.59
CA TRP A 245 9.16 1.01 -8.09
C TRP A 245 7.76 1.07 -7.49
N ILE A 246 7.54 2.02 -6.59
CA ILE A 246 6.25 2.17 -5.94
C ILE A 246 5.13 2.38 -6.97
N TYR A 247 5.33 3.36 -7.84
CA TYR A 247 4.35 3.69 -8.87
C TYR A 247 4.71 3.06 -10.22
N GLY A 248 5.97 3.17 -10.60
CA GLY A 248 6.41 2.76 -11.93
C GLY A 248 6.14 1.32 -12.33
N LYS A 249 5.64 0.51 -11.42
CA LYS A 249 5.47 -0.91 -11.69
C LYS A 249 4.04 -1.23 -12.11
N THR A 250 3.12 -0.36 -11.73
CA THR A 250 1.72 -0.51 -12.05
C THR A 250 1.47 -0.91 -13.50
N PRO A 251 0.97 -2.13 -13.69
CA PRO A 251 0.69 -2.67 -15.02
C PRO A 251 -0.11 -1.69 -15.88
N LYS A 252 0.02 -1.83 -17.19
CA LYS A 252 -0.64 -0.96 -18.14
C LYS A 252 -2.11 -0.74 -17.75
N PHE A 253 -2.53 0.53 -17.74
CA PHE A 253 -3.92 0.88 -17.44
C PHE A 253 -4.32 2.19 -18.10
N SER A 254 -5.59 2.30 -18.47
CA SER A 254 -6.07 3.43 -19.26
C SER A 254 -7.24 4.18 -18.64
N VAL A 255 -7.51 5.37 -19.18
CA VAL A 255 -8.63 6.18 -18.73
C VAL A 255 -9.53 6.56 -19.91
N ASP A 256 -10.83 6.36 -19.72
CA ASP A 256 -11.82 6.64 -20.76
C ASP A 256 -13.03 7.31 -20.12
N THR A 257 -12.92 8.60 -19.83
CA THR A 257 -13.95 9.30 -19.07
C THR A 257 -14.50 10.55 -19.74
N SER A 258 -15.17 11.36 -18.93
CA SER A 258 -15.82 12.57 -19.40
C SER A 258 -16.49 13.28 -18.24
N PHE A 259 -16.65 14.59 -18.35
CA PHE A 259 -17.46 15.34 -17.41
C PHE A 259 -17.88 16.68 -17.99
N THR A 260 -19.08 17.11 -17.63
CA THR A 260 -19.69 18.27 -18.23
C THR A 260 -19.61 19.49 -17.31
N VAL A 261 -19.25 20.64 -17.88
CA VAL A 261 -19.27 21.89 -17.12
C VAL A 261 -20.44 22.77 -17.55
N LEU A 262 -21.04 23.45 -16.59
CA LEU A 262 -22.17 24.33 -16.86
C LEU A 262 -21.78 25.41 -17.87
N HIS A 263 -22.70 25.71 -18.80
CA HIS A 263 -22.40 26.62 -19.89
C HIS A 263 -23.33 26.31 -21.07
N GLU A 264 -24.27 27.21 -21.38
CA GLU A 264 -24.48 28.44 -20.62
C GLU A 264 -25.87 29.02 -20.91
N GLN A 265 -26.90 28.48 -20.27
CA GLN A 265 -26.73 27.40 -19.32
C GLN A 265 -27.02 26.02 -19.93
N SER A 266 -26.40 25.75 -21.07
CA SER A 266 -26.35 24.40 -21.61
C SER A 266 -25.31 23.65 -20.79
N HIS A 267 -24.68 22.65 -21.39
CA HIS A 267 -23.51 22.05 -20.77
C HIS A 267 -22.45 21.68 -21.81
N VAL A 268 -21.22 22.12 -21.55
CA VAL A 268 -20.08 21.82 -22.39
C VAL A 268 -19.34 20.60 -21.87
N GLU A 269 -19.22 19.58 -22.70
CA GLU A 269 -18.60 18.34 -22.27
C GLU A 269 -17.10 18.32 -22.56
N ILE A 270 -16.37 17.57 -21.75
CA ILE A 270 -14.96 17.36 -21.97
C ILE A 270 -14.68 15.87 -22.08
N LYS A 271 -13.64 15.51 -22.84
CA LYS A 271 -13.28 14.12 -23.01
C LYS A 271 -11.84 13.90 -22.58
N VAL A 272 -11.60 12.83 -21.83
CA VAL A 272 -10.25 12.48 -21.42
C VAL A 272 -9.97 11.02 -21.67
N PHE A 273 -8.85 10.74 -22.33
CA PHE A 273 -8.45 9.37 -22.64
C PHE A 273 -6.93 9.25 -22.54
N ILE A 274 -6.47 8.68 -21.43
CA ILE A 274 -5.03 8.55 -21.20
C ILE A 274 -4.59 7.10 -21.10
N ASP A 275 -3.44 6.79 -21.72
CA ASP A 275 -2.86 5.46 -21.64
C ASP A 275 -1.57 5.50 -20.86
N VAL A 276 -1.51 4.73 -19.78
CA VAL A 276 -0.34 4.70 -18.93
C VAL A 276 0.39 3.37 -19.00
N LYS A 277 1.71 3.46 -19.08
CA LYS A 277 2.56 2.29 -19.14
C LYS A 277 3.79 2.56 -18.28
N ASN A 278 3.87 1.87 -17.15
CA ASN A 278 4.95 2.07 -16.21
C ASN A 278 4.94 3.46 -15.60
N GLY A 279 3.74 3.93 -15.25
CA GLY A 279 3.60 5.22 -14.58
C GLY A 279 3.76 6.41 -15.51
N ARG A 280 4.28 6.15 -16.70
CA ARG A 280 4.43 7.17 -17.71
C ARG A 280 3.21 7.20 -18.65
N ILE A 281 2.73 8.40 -18.95
CA ILE A 281 1.63 8.56 -19.88
C ILE A 281 2.14 8.26 -21.27
N GLU A 282 1.43 7.39 -21.98
CA GLU A 282 1.89 6.99 -23.30
C GLU A 282 1.04 7.55 -24.42
N VAL A 283 -0.24 7.75 -24.13
CA VAL A 283 -1.15 8.37 -25.09
C VAL A 283 -2.15 9.25 -24.35
N CYS A 284 -2.01 10.56 -24.50
CA CYS A 284 -2.91 11.49 -23.82
C CYS A 284 -3.76 12.31 -24.79
N ASN A 285 -5.06 12.05 -24.78
CA ASN A 285 -5.98 12.79 -25.63
C ASN A 285 -7.06 13.50 -24.82
N ILE A 286 -6.80 14.75 -24.47
CA ILE A 286 -7.75 15.54 -23.73
C ILE A 286 -8.48 16.47 -24.69
N GLU A 287 -9.77 16.25 -24.85
CA GLU A 287 -10.55 16.96 -25.85
C GLU A 287 -11.57 17.91 -25.25
N ALA A 288 -11.55 19.15 -25.74
CA ALA A 288 -12.57 20.14 -25.41
C ALA A 288 -12.98 20.92 -26.67
N PRO A 289 -14.25 21.34 -26.75
CA PRO A 289 -14.83 22.10 -27.86
C PRO A 289 -14.11 23.42 -28.11
N ASP A 290 -13.62 23.61 -29.34
CA ASP A 290 -12.81 24.76 -29.68
C ASP A 290 -13.46 26.07 -29.28
N HIS A 291 -14.78 26.13 -29.39
CA HIS A 291 -15.48 27.35 -29.07
C HIS A 291 -15.31 27.72 -27.60
N TRP A 292 -15.34 26.72 -26.73
CA TRP A 292 -15.20 26.97 -25.31
C TRP A 292 -13.75 27.21 -24.90
N LEU A 293 -12.81 26.58 -25.61
CA LEU A 293 -11.40 26.66 -25.25
C LEU A 293 -10.52 26.19 -26.40
N PRO A 294 -9.74 27.13 -26.96
CA PRO A 294 -8.84 26.94 -28.08
C PRO A 294 -8.18 25.58 -28.09
N LEU A 295 -8.20 24.93 -29.25
CA LEU A 295 -7.70 23.58 -29.39
C LEU A 295 -6.18 23.51 -29.25
N GLU A 296 -5.49 24.56 -29.69
CA GLU A 296 -4.04 24.57 -29.57
C GLU A 296 -3.59 24.64 -28.12
N ILE A 297 -4.56 24.75 -27.21
CA ILE A 297 -4.25 24.68 -25.80
C ILE A 297 -4.31 23.23 -25.37
N CYS A 298 -5.41 22.58 -25.67
CA CYS A 298 -5.54 21.17 -25.38
C CYS A 298 -4.41 20.38 -26.02
N ASP A 299 -3.76 20.96 -27.03
CA ASP A 299 -2.57 20.35 -27.57
C ASP A 299 -1.45 20.55 -26.57
N GLN A 300 -1.15 21.81 -26.31
CA GLN A 300 -0.15 22.18 -25.32
C GLN A 300 -0.17 21.23 -24.12
N LEU A 301 -1.35 21.00 -23.58
CA LEU A 301 -1.50 20.09 -22.47
C LEU A 301 -1.16 18.69 -22.93
N ASN A 302 -2.09 18.05 -23.62
CA ASN A 302 -1.87 16.70 -24.15
C ASN A 302 -0.41 16.43 -24.43
N SER A 303 0.26 17.42 -24.98
CA SER A 303 1.62 17.26 -25.44
C SER A 303 2.59 17.32 -24.28
N SER A 304 2.48 18.35 -23.46
CA SER A 304 3.35 18.48 -22.29
C SER A 304 3.00 17.43 -21.27
N LEU A 305 2.22 16.44 -21.69
CA LEU A 305 1.71 15.44 -20.77
C LEU A 305 2.06 14.05 -21.25
N ILE A 306 2.22 13.90 -22.57
CA ILE A 306 2.72 12.66 -23.11
C ILE A 306 4.11 12.43 -22.53
N GLY A 307 4.40 11.20 -22.15
CA GLY A 307 5.71 10.86 -21.61
C GLY A 307 5.98 11.47 -20.24
N SER A 308 4.97 12.10 -19.65
CA SER A 308 5.08 12.64 -18.31
C SER A 308 4.58 11.60 -17.32
N LYS A 309 5.01 11.72 -16.08
CA LYS A 309 4.62 10.76 -15.06
C LYS A 309 3.20 11.02 -14.60
N PHE A 310 2.44 9.95 -14.42
CA PHE A 310 1.04 10.05 -14.03
C PHE A 310 0.88 10.52 -12.59
N SER A 311 0.58 11.81 -12.42
CA SER A 311 0.33 12.36 -11.10
C SER A 311 -0.07 13.82 -11.23
N PRO A 312 -0.53 14.40 -10.12
CA PRO A 312 -0.92 15.81 -10.13
C PRO A 312 0.05 16.63 -10.97
N ILE A 313 -0.43 17.73 -11.53
CA ILE A 313 0.38 18.56 -12.42
C ILE A 313 0.72 19.89 -11.78
N GLU A 314 2.01 20.21 -11.72
CA GLU A 314 2.48 21.47 -11.13
C GLU A 314 1.66 22.64 -11.66
N THR A 315 0.83 23.21 -10.80
CA THR A 315 -0.12 24.24 -11.22
C THR A 315 0.54 25.59 -11.53
N THR A 316 1.87 25.62 -11.44
CA THR A 316 2.63 26.79 -11.87
C THR A 316 3.09 26.58 -13.30
N VAL A 317 3.58 25.38 -13.59
CA VAL A 317 3.84 25.00 -14.98
C VAL A 317 2.49 24.96 -15.67
N LEU A 318 1.50 24.47 -14.92
CA LEU A 318 0.14 24.44 -15.39
C LEU A 318 -0.22 25.77 -16.02
N THR A 319 -0.51 26.77 -15.19
CA THR A 319 -0.94 28.07 -15.69
C THR A 319 0.20 28.80 -16.39
N SER A 320 1.42 28.35 -16.14
CA SER A 320 2.58 28.86 -16.88
C SER A 320 2.33 28.67 -18.37
N ILE A 321 1.96 27.44 -18.72
CA ILE A 321 1.59 27.09 -20.08
C ILE A 321 1.16 28.31 -20.88
N LEU A 322 0.16 29.02 -20.37
CA LEU A 322 -0.49 30.07 -21.15
C LEU A 322 -0.39 31.49 -20.56
N HIS A 323 -0.40 31.61 -19.24
CA HIS A 323 -0.43 32.93 -18.63
C HIS A 323 0.68 33.83 -19.18
N ARG A 324 1.67 33.19 -19.78
CA ARG A 324 2.72 33.91 -20.48
C ARG A 324 2.42 33.90 -21.98
N THR A 325 1.92 32.76 -22.48
CA THR A 325 1.64 32.58 -23.90
C THR A 325 0.48 33.47 -24.39
N TYR A 326 -0.72 33.19 -23.90
CA TYR A 326 -1.91 33.94 -24.29
C TYR A 326 -2.19 35.08 -23.32
N PRO A 327 -2.11 36.32 -23.81
CA PRO A 327 -2.21 37.56 -23.06
C PRO A 327 -2.91 37.42 -21.70
N GLY A 328 -4.01 38.14 -21.50
CA GLY A 328 -4.71 38.11 -20.23
C GLY A 328 -6.23 38.10 -20.33
N ASP A 329 -6.80 36.97 -20.74
CA ASP A 329 -8.24 36.81 -20.80
C ASP A 329 -8.73 36.13 -19.55
N ASP A 330 -9.17 36.90 -18.57
CA ASP A 330 -9.63 36.35 -17.30
C ASP A 330 -10.62 35.20 -17.51
N GLU A 331 -11.48 35.35 -18.51
CA GLU A 331 -12.43 34.30 -18.85
C GLU A 331 -11.71 33.08 -19.40
N LEU A 332 -10.59 33.32 -20.09
CA LEU A 332 -9.75 32.24 -20.55
C LEU A 332 -9.16 31.52 -19.34
N HIS A 333 -8.36 32.24 -18.55
CA HIS A 333 -7.77 31.70 -17.34
C HIS A 333 -8.82 30.90 -16.58
N SER A 334 -9.96 31.52 -16.35
CA SER A 334 -11.03 30.92 -15.56
C SER A 334 -11.49 29.58 -16.11
N LYS A 335 -11.66 29.49 -17.42
CA LYS A 335 -12.10 28.26 -18.05
C LYS A 335 -10.97 27.24 -18.07
N TRP A 336 -9.74 27.74 -18.02
CA TRP A 336 -8.56 26.90 -17.97
C TRP A 336 -8.54 26.11 -16.68
N ASN A 337 -8.73 26.80 -15.56
CA ASN A 337 -8.77 26.17 -14.26
C ASN A 337 -9.79 25.05 -14.21
N ILE A 338 -11.05 25.40 -14.44
CA ILE A 338 -12.13 24.44 -14.40
C ILE A 338 -11.75 23.15 -15.11
N LEU A 339 -10.84 23.25 -16.08
CA LEU A 339 -10.35 22.07 -16.78
C LEU A 339 -9.32 21.36 -15.92
N CYS A 340 -8.19 22.02 -15.68
CA CYS A 340 -7.17 21.49 -14.78
C CYS A 340 -7.87 20.89 -13.57
N GLU A 341 -8.74 21.69 -12.95
CA GLU A 341 -9.58 21.18 -11.88
C GLU A 341 -9.96 19.74 -12.15
N LYS A 342 -10.99 19.54 -12.97
CA LYS A 342 -11.49 18.20 -13.25
C LYS A 342 -10.36 17.22 -13.58
N ILE A 343 -9.29 17.72 -14.18
CA ILE A 343 -8.18 16.85 -14.56
C ILE A 343 -7.45 16.33 -13.34
N LYS A 344 -6.93 17.26 -12.53
CA LYS A 344 -6.17 16.91 -11.34
C LYS A 344 -7.03 16.05 -10.41
N GLY A 345 -8.34 16.18 -10.53
CA GLY A 345 -9.28 15.41 -9.72
C GLY A 345 -9.24 13.93 -10.02
N ILE A 346 -8.28 13.52 -10.83
CA ILE A 346 -8.12 12.11 -11.20
C ILE A 346 -6.68 11.81 -11.61
N MET A 347 -5.73 12.50 -11.00
CA MET A 347 -4.32 12.37 -11.34
C MET A 347 -3.51 11.58 -10.30
#